data_8UMG
#
_entry.id   8UMG
#
_cell.length_a   112.531
_cell.length_b   55.193
_cell.length_c   101.095
_cell.angle_alpha   90.000
_cell.angle_beta   112.779
_cell.angle_gamma   90.000
#
_symmetry.space_group_name_H-M   'C 1 2 1'
#
loop_
_entity.id
_entity.type
_entity.pdbx_description
1 polymer 'Chromodomain-helicase-DNA-binding protein 1'
2 non-polymer 1-{4-[{2-(azonan-1-yl)-6-methoxy-7-[3-(piperidin-1-yl)propoxy]quinazolin-4-yl}(methyl)amino]piperidin-1-yl}ethan-1-one
3 non-polymer 'CHLORIDE ION'
4 water water
#
_entity_poly.entity_id   1
_entity_poly.type   'polypeptide(L)'
_entity_poly.pdbx_seq_one_letter_code
;MKKHHHHHHEEEFETIERFMDCRIGRKGATGATTTIYAVEADGDPNAGFEKNKEPGEIQYLIKWKGWSHIHNTWETEETL
KQQNVRGMKKLDNYKKKDQETKRWLKNASPEDVEYYNCQQELTDDLHKQYQIVGRIIAHSNQKSAAGYPDYYCKWQGLPY
SECSWEDGALISKKFQACIDEYFSRKK
;
_entity_poly.pdbx_strand_id   A,B,C
#
loop_
_chem_comp.id
_chem_comp.type
_chem_comp.name
_chem_comp.formula
CL non-polymer 'CHLORIDE ION' 'Cl -1'
X31 non-polymer 1-{4-[{2-(azonan-1-yl)-6-methoxy-7-[3-(piperidin-1-yl)propoxy]quinazolin-4-yl}(methyl)amino]piperidin-1-yl}ethan-1-one 'C33 H52 N6 O3'
#
# COMPACT_ATOMS: atom_id res chain seq x y z
N GLU A 12 -14.76 -13.76 -1.86
CA GLU A 12 -15.07 -15.13 -2.28
C GLU A 12 -13.87 -16.07 -2.23
N PHE A 13 -12.95 -15.93 -3.20
CA PHE A 13 -11.72 -16.71 -3.28
C PHE A 13 -10.51 -15.84 -2.96
N GLU A 14 -9.48 -16.47 -2.41
CA GLU A 14 -8.28 -15.72 -2.06
C GLU A 14 -7.58 -15.23 -3.33
N THR A 15 -6.75 -14.22 -3.17
CA THR A 15 -5.96 -13.69 -4.27
C THR A 15 -4.51 -13.54 -3.82
N ILE A 16 -3.58 -13.57 -4.76
CA ILE A 16 -2.15 -13.42 -4.48
C ILE A 16 -1.70 -12.05 -4.97
N GLU A 17 -0.99 -11.31 -4.12
CA GLU A 17 -0.49 -9.98 -4.44
C GLU A 17 1.02 -9.96 -4.71
N ARG A 18 1.83 -10.53 -3.84
CA ARG A 18 3.26 -10.64 -4.05
C ARG A 18 3.72 -11.98 -3.49
N PHE A 19 4.79 -12.49 -4.09
CA PHE A 19 5.49 -13.68 -3.65
C PHE A 19 6.68 -13.19 -2.84
N MET A 20 6.69 -13.52 -1.54
CA MET A 20 7.63 -12.80 -0.69
C MET A 20 8.97 -13.52 -0.57
N ASP A 21 8.96 -14.85 -0.46
CA ASP A 21 10.21 -15.58 -0.37
C ASP A 21 9.93 -17.02 -0.79
N CYS A 22 10.97 -17.84 -0.81
CA CYS A 22 10.86 -19.23 -1.18
C CYS A 22 11.71 -20.07 -0.26
N ARG A 23 11.39 -21.35 -0.16
CA ARG A 23 12.04 -22.17 0.85
C ARG A 23 11.66 -23.62 0.66
N ILE A 24 12.51 -24.49 1.19
CA ILE A 24 12.23 -25.91 1.31
C ILE A 24 11.94 -26.13 2.76
N GLY A 25 10.74 -26.66 3.06
CA GLY A 25 10.32 -26.83 4.46
C GLY A 25 9.52 -28.10 4.70
N ARG A 26 9.14 -28.37 5.95
CA ARG A 26 8.43 -29.62 6.35
C ARG A 26 7.16 -29.86 5.53
N LYS A 27 6.87 -31.12 5.18
CA LYS A 27 5.61 -31.43 4.47
C LYS A 27 4.42 -31.04 5.36
N GLY A 28 3.57 -30.13 4.89
CA GLY A 28 2.42 -29.68 5.64
C GLY A 28 2.65 -28.41 6.43
N ALA A 29 3.89 -27.90 6.46
CA ALA A 29 4.17 -26.55 6.94
C ALA A 29 3.67 -25.51 5.93
N THR A 30 2.41 -25.62 5.55
CA THR A 30 1.73 -24.61 4.76
C THR A 30 0.37 -24.30 5.39
N GLY A 31 -0.11 -23.08 5.19
CA GLY A 31 -1.44 -22.71 5.61
C GLY A 31 -1.48 -21.88 6.88
N ALA A 32 -2.73 -21.63 7.31
CA ALA A 32 -3.03 -20.64 8.34
C ALA A 32 -2.09 -20.75 9.53
N THR A 33 -1.67 -21.95 9.87
CA THR A 33 -0.81 -22.23 10.99
C THR A 33 0.61 -21.71 10.80
N THR A 34 0.95 -21.17 9.62
CA THR A 34 2.32 -20.72 9.40
C THR A 34 2.48 -19.21 9.54
N THR A 35 1.42 -18.47 9.85
CA THR A 35 1.56 -17.04 10.09
C THR A 35 2.32 -16.79 11.40
N ILE A 36 3.00 -15.65 11.44
CA ILE A 36 3.89 -15.33 12.55
C ILE A 36 3.16 -15.40 13.88
N TYR A 37 1.89 -14.99 13.92
CA TYR A 37 1.21 -14.96 15.19
C TYR A 37 0.65 -16.30 15.59
N ALA A 38 0.51 -17.24 14.65
CA ALA A 38 0.22 -18.60 15.04
C ALA A 38 1.48 -19.29 15.55
N VAL A 39 2.58 -19.16 14.79
CA VAL A 39 3.85 -19.79 15.16
C VAL A 39 4.29 -19.33 16.55
N GLU A 40 4.06 -18.05 16.90
CA GLU A 40 4.37 -17.58 18.25
C GLU A 40 3.40 -18.14 19.27
N ALA A 41 2.11 -18.10 18.96
CA ALA A 41 1.10 -18.59 19.90
C ALA A 41 0.93 -20.11 19.86
N ASP A 42 1.52 -20.81 18.90
CA ASP A 42 1.26 -22.25 18.79
C ASP A 42 2.55 -23.03 18.57
N GLY A 43 3.38 -22.61 17.63
CA GLY A 43 4.59 -23.35 17.30
C GLY A 43 4.86 -23.57 15.81
N ASP A 44 6.12 -23.38 15.41
CA ASP A 44 6.53 -23.44 14.02
C ASP A 44 6.42 -24.85 13.49
N PRO A 45 5.37 -25.18 12.76
CA PRO A 45 5.27 -26.53 12.18
C PRO A 45 6.54 -26.93 11.44
N ASN A 46 7.35 -25.93 11.10
CA ASN A 46 8.56 -26.11 10.33
C ASN A 46 9.77 -25.97 11.24
N ALA A 47 9.73 -26.64 12.40
CA ALA A 47 10.59 -26.26 13.54
C ALA A 47 12.03 -26.78 13.41
N GLY A 48 12.21 -28.09 13.44
CA GLY A 48 13.55 -28.67 13.50
C GLY A 48 14.15 -29.08 12.16
N PHE A 49 14.18 -28.15 11.22
CA PHE A 49 14.41 -28.47 9.82
C PHE A 49 15.76 -27.93 9.43
N GLU A 50 16.65 -28.81 8.98
CA GLU A 50 17.93 -28.40 8.44
C GLU A 50 17.99 -28.60 6.93
N LYS A 51 16.87 -28.98 6.30
CA LYS A 51 16.84 -29.51 4.93
C LYS A 51 17.52 -30.86 4.96
N ASN A 52 18.29 -31.09 6.00
CA ASN A 52 18.93 -32.35 6.34
C ASN A 52 18.05 -33.09 7.35
N LYS A 53 18.29 -34.39 7.48
CA LYS A 53 17.51 -35.19 8.41
C LYS A 53 16.10 -35.40 7.87
N GLU A 54 15.65 -34.53 6.94
CA GLU A 54 14.24 -34.51 6.58
C GLU A 54 14.02 -34.05 5.15
N PRO A 55 13.44 -34.89 4.28
CA PRO A 55 13.02 -34.39 2.97
C PRO A 55 11.84 -33.44 3.09
N GLY A 56 11.87 -32.36 2.30
CA GLY A 56 10.84 -31.33 2.38
C GLY A 56 10.00 -31.08 1.14
N GLU A 57 9.76 -29.81 0.83
CA GLU A 57 8.90 -29.36 -0.26
C GLU A 57 9.25 -27.93 -0.60
N ILE A 58 9.01 -27.54 -1.84
CA ILE A 58 9.06 -26.12 -2.17
C ILE A 58 7.82 -25.44 -1.60
N GLN A 59 8.03 -24.49 -0.69
CA GLN A 59 6.94 -23.71 -0.12
C GLN A 59 7.18 -22.24 -0.44
N TYR A 60 6.12 -21.47 -0.52
CA TYR A 60 6.22 -20.08 -0.91
C TYR A 60 5.65 -19.19 0.18
N LEU A 61 6.04 -17.92 0.21
CA LEU A 61 5.52 -16.98 1.19
C LEU A 61 4.61 -16.01 0.43
N ILE A 62 3.32 -16.07 0.70
CA ILE A 62 2.33 -15.26 -0.01
C ILE A 62 1.88 -14.08 0.83
N LYS A 63 1.78 -12.91 0.17
CA LYS A 63 1.18 -11.68 0.69
C LYS A 63 -0.22 -11.62 0.10
N TRP A 64 -1.23 -11.96 0.90
CA TRP A 64 -2.59 -12.14 0.39
C TRP A 64 -3.25 -10.81 0.02
N LYS A 65 -3.88 -10.74 -1.13
CA LYS A 65 -4.61 -9.53 -1.47
C LYS A 65 -5.75 -9.35 -0.48
N GLY A 66 -5.91 -8.10 -0.01
CA GLY A 66 -6.88 -7.74 1.02
C GLY A 66 -6.27 -7.65 2.40
N TRP A 67 -5.64 -8.75 2.82
CA TRP A 67 -5.06 -8.89 4.13
C TRP A 67 -3.67 -8.27 4.16
N SER A 68 -3.16 -8.07 5.36
CA SER A 68 -1.95 -7.30 5.56
C SER A 68 -0.76 -8.21 5.81
N HIS A 69 0.43 -7.63 5.74
CA HIS A 69 1.68 -8.40 5.75
C HIS A 69 1.84 -9.32 6.95
N ILE A 70 0.89 -9.28 7.88
CA ILE A 70 0.99 -10.10 9.08
C ILE A 70 0.35 -11.44 8.83
N HIS A 71 -0.48 -11.54 7.80
CA HIS A 71 -1.21 -12.74 7.47
C HIS A 71 -0.53 -13.55 6.38
N ASN A 72 0.63 -13.13 5.92
CA ASN A 72 1.48 -13.94 5.05
C ASN A 72 1.55 -15.39 5.54
N THR A 73 1.11 -16.33 4.70
CA THR A 73 1.25 -17.76 4.98
C THR A 73 2.09 -18.40 3.89
N TRP A 74 2.69 -19.56 4.21
CA TRP A 74 3.49 -20.33 3.26
C TRP A 74 2.67 -21.47 2.69
N GLU A 75 2.71 -21.65 1.38
CA GLU A 75 1.88 -22.64 0.72
C GLU A 75 2.75 -23.40 -0.27
N THR A 76 2.24 -24.51 -0.81
CA THR A 76 2.85 -25.16 -1.96
C THR A 76 2.07 -24.84 -3.22
N GLU A 77 2.67 -25.17 -4.36
CA GLU A 77 1.95 -25.05 -5.61
C GLU A 77 0.65 -25.82 -5.53
N GLU A 78 0.70 -26.98 -4.85
CA GLU A 78 -0.49 -27.80 -4.70
C GLU A 78 -1.60 -27.04 -3.97
N THR A 79 -1.26 -26.42 -2.85
CA THR A 79 -2.30 -25.77 -2.04
C THR A 79 -2.85 -24.53 -2.73
N LEU A 80 -2.02 -23.80 -3.48
CA LEU A 80 -2.54 -22.71 -4.29
C LEU A 80 -3.58 -23.23 -5.29
N LYS A 81 -3.34 -24.39 -5.87
CA LYS A 81 -4.29 -24.96 -6.81
C LYS A 81 -5.47 -25.57 -6.07
N GLN A 82 -5.18 -26.32 -5.00
CA GLN A 82 -6.20 -26.98 -4.18
C GLN A 82 -7.19 -25.99 -3.58
N GLN A 83 -6.78 -24.73 -3.43
CA GLN A 83 -7.60 -23.69 -2.82
C GLN A 83 -8.22 -22.80 -3.87
N ASN A 84 -8.19 -23.22 -5.13
CA ASN A 84 -8.78 -22.50 -6.26
C ASN A 84 -8.52 -21.00 -6.14
N VAL A 85 -7.29 -20.61 -5.75
CA VAL A 85 -6.95 -19.22 -5.45
C VAL A 85 -6.70 -18.46 -6.74
N ARG A 86 -6.99 -17.17 -6.73
CA ARG A 86 -6.72 -16.35 -7.91
C ARG A 86 -5.30 -15.75 -7.83
N GLY A 87 -4.78 -15.42 -9.01
CA GLY A 87 -3.41 -14.92 -9.11
C GLY A 87 -2.37 -15.94 -9.53
N MET A 88 -2.79 -17.06 -10.12
CA MET A 88 -1.90 -18.19 -10.35
C MET A 88 -0.88 -17.90 -11.44
N LYS A 89 -1.15 -16.91 -12.30
CA LYS A 89 -0.12 -16.51 -13.26
C LYS A 89 1.07 -15.91 -12.52
N LYS A 90 0.82 -15.17 -11.45
CA LYS A 90 1.91 -14.68 -10.63
C LYS A 90 2.81 -15.81 -10.22
N LEU A 91 2.25 -17.00 -10.01
CA LEU A 91 3.10 -18.12 -9.64
C LEU A 91 4.07 -18.45 -10.77
N ASP A 92 3.59 -18.42 -12.02
CA ASP A 92 4.47 -18.70 -13.14
C ASP A 92 5.57 -17.65 -13.26
N ASN A 93 5.23 -16.37 -13.10
CA ASN A 93 6.28 -15.38 -13.24
C ASN A 93 7.33 -15.52 -12.14
N TYR A 94 6.91 -15.74 -10.90
CA TYR A 94 7.92 -15.81 -9.85
C TYR A 94 8.89 -16.94 -10.14
N LYS A 95 8.39 -18.07 -10.65
CA LYS A 95 9.30 -19.16 -11.01
C LYS A 95 10.17 -18.82 -12.23
N LYS A 96 9.61 -18.09 -13.20
CA LYS A 96 10.37 -17.70 -14.39
C LYS A 96 11.51 -16.76 -14.02
N LYS A 97 11.22 -15.69 -13.31
CA LYS A 97 12.33 -14.82 -12.98
C LYS A 97 13.26 -15.39 -11.93
N ASP A 98 12.90 -16.47 -11.25
CA ASP A 98 13.86 -17.08 -10.36
C ASP A 98 14.90 -17.87 -11.17
N GLN A 99 14.46 -18.57 -12.22
CA GLN A 99 15.39 -19.25 -13.09
C GLN A 99 16.31 -18.28 -13.79
N GLU A 100 15.79 -17.11 -14.17
CA GLU A 100 16.67 -16.11 -14.80
C GLU A 100 17.69 -15.57 -13.82
N THR A 101 17.33 -15.47 -12.54
CA THR A 101 18.25 -14.95 -11.55
C THR A 101 19.30 -15.98 -11.16
N LYS A 102 18.95 -17.26 -11.13
CA LYS A 102 19.98 -18.27 -10.89
C LYS A 102 20.91 -18.36 -12.08
N ARG A 103 20.40 -18.03 -13.27
CA ARG A 103 21.21 -18.14 -14.47
C ARG A 103 22.35 -17.13 -14.44
N TRP A 104 22.02 -15.84 -14.37
CA TRP A 104 23.11 -14.88 -14.43
C TRP A 104 23.77 -14.69 -13.05
N LEU A 105 23.73 -15.72 -12.21
CA LEU A 105 24.61 -15.76 -11.06
C LEU A 105 25.41 -17.06 -10.98
N LYS A 106 25.29 -17.95 -11.97
CA LYS A 106 26.18 -19.11 -12.05
C LYS A 106 27.55 -18.73 -12.56
N ASN A 107 27.59 -17.80 -13.51
CA ASN A 107 28.85 -17.26 -14.01
C ASN A 107 29.04 -15.89 -13.37
N ALA A 108 29.49 -15.91 -12.12
CA ALA A 108 29.52 -14.72 -11.27
C ALA A 108 30.78 -14.70 -10.42
N SER A 109 31.45 -13.55 -10.39
CA SER A 109 32.63 -13.39 -9.56
C SER A 109 32.27 -13.53 -8.09
N PRO A 110 33.20 -13.98 -7.25
CA PRO A 110 32.90 -14.13 -5.82
C PRO A 110 32.31 -12.88 -5.17
N GLU A 111 32.76 -11.70 -5.60
CA GLU A 111 32.26 -10.41 -5.12
C GLU A 111 30.82 -10.13 -5.56
N ASP A 112 30.36 -10.79 -6.63
CA ASP A 112 28.93 -10.73 -6.96
C ASP A 112 28.10 -11.54 -5.97
N VAL A 113 28.57 -12.73 -5.61
CA VAL A 113 27.84 -13.46 -4.57
C VAL A 113 27.86 -12.68 -3.25
N GLU A 114 28.97 -12.00 -2.95
CA GLU A 114 28.98 -11.15 -1.77
C GLU A 114 27.87 -10.11 -1.84
N TYR A 115 27.76 -9.43 -3.00
CA TYR A 115 26.72 -8.42 -3.19
C TYR A 115 25.33 -9.04 -3.11
N TYR A 116 25.10 -10.10 -3.88
CA TYR A 116 23.79 -10.70 -3.91
C TYR A 116 23.36 -11.14 -2.52
N ASN A 117 24.23 -11.81 -1.78
CA ASN A 117 23.78 -12.28 -0.49
C ASN A 117 23.67 -11.16 0.53
N CYS A 118 24.58 -10.18 0.52
CA CYS A 118 24.37 -9.02 1.38
C CYS A 118 23.06 -8.33 1.05
N GLN A 119 22.88 -7.98 -0.22
CA GLN A 119 21.66 -7.28 -0.62
C GLN A 119 20.44 -8.13 -0.30
N GLN A 120 20.35 -9.29 -0.93
CA GLN A 120 19.15 -10.08 -0.79
C GLN A 120 18.79 -10.28 0.67
N GLU A 121 19.73 -10.09 1.60
CA GLU A 121 19.38 -10.23 3.00
C GLU A 121 18.95 -8.92 3.63
N LEU A 122 19.21 -7.77 2.99
CA LEU A 122 18.62 -6.52 3.47
C LEU A 122 17.13 -6.49 3.20
N THR A 123 16.74 -6.65 1.93
CA THR A 123 15.33 -6.81 1.65
C THR A 123 14.70 -7.82 2.59
N ASP A 124 15.41 -8.87 2.98
CA ASP A 124 14.75 -9.84 3.83
C ASP A 124 14.33 -9.19 5.15
N ASP A 125 15.22 -8.42 5.79
CA ASP A 125 14.83 -7.76 7.03
C ASP A 125 13.67 -6.81 6.79
N LEU A 126 13.91 -5.78 6.00
CA LEU A 126 12.87 -4.85 5.57
C LEU A 126 11.49 -5.50 5.44
N HIS A 127 11.45 -6.74 4.93
CA HIS A 127 10.18 -7.45 4.76
C HIS A 127 9.63 -7.91 6.10
N LYS A 128 10.50 -8.43 6.96
CA LYS A 128 10.07 -8.90 8.26
C LYS A 128 9.59 -7.75 9.14
N GLN A 129 9.98 -6.53 8.81
CA GLN A 129 9.61 -5.40 9.63
C GLN A 129 8.21 -4.92 9.29
N TYR A 130 7.73 -5.22 8.07
CA TYR A 130 6.37 -4.97 7.59
C TYR A 130 5.29 -5.62 8.46
N GLN A 131 5.71 -6.28 9.54
CA GLN A 131 4.82 -7.02 10.42
C GLN A 131 4.80 -6.50 11.84
N ILE A 132 5.68 -5.60 12.21
CA ILE A 132 5.59 -5.00 13.53
C ILE A 132 4.87 -3.67 13.36
N VAL A 133 4.21 -3.23 14.43
CA VAL A 133 3.23 -2.16 14.36
C VAL A 133 3.93 -0.88 14.77
N GLY A 134 4.00 0.09 13.85
CA GLY A 134 4.72 1.32 14.15
C GLY A 134 3.96 2.24 15.05
N ARG A 135 2.64 2.19 15.01
CA ARG A 135 1.84 3.08 15.85
C ARG A 135 0.41 2.67 15.65
N ILE A 136 -0.40 2.71 16.73
CA ILE A 136 -1.85 2.57 16.59
C ILE A 136 -2.46 3.94 16.42
N ILE A 137 -3.64 3.98 15.81
CA ILE A 137 -4.15 5.20 15.21
C ILE A 137 -5.66 5.35 15.45
N ALA A 138 -6.27 4.31 15.98
CA ALA A 138 -7.72 4.33 16.11
C ALA A 138 -8.17 3.03 16.73
N HIS A 139 -9.46 2.93 17.00
CA HIS A 139 -10.05 1.69 17.47
C HIS A 139 -11.54 1.70 17.22
N SER A 140 -12.11 0.52 17.35
CA SER A 140 -13.48 0.29 16.99
C SER A 140 -14.38 0.77 18.10
N ASN A 141 -15.50 1.36 17.71
CA ASN A 141 -16.59 1.47 18.65
C ASN A 141 -17.03 0.09 19.09
N GLN A 142 -17.31 -0.79 18.15
CA GLN A 142 -17.77 -2.12 18.50
C GLN A 142 -16.68 -2.86 19.26
N LYS A 143 -17.09 -3.71 20.20
CA LYS A 143 -16.16 -4.65 20.82
C LYS A 143 -16.68 -6.06 20.59
N SER A 144 -15.82 -7.03 20.89
CA SER A 144 -16.21 -8.41 20.63
C SER A 144 -16.84 -9.03 21.87
N ALA A 145 -17.35 -10.25 21.69
CA ALA A 145 -17.74 -11.06 22.82
C ALA A 145 -16.63 -11.10 23.86
N ALA A 146 -15.41 -11.41 23.42
CA ALA A 146 -14.25 -11.43 24.29
C ALA A 146 -13.80 -10.04 24.76
N GLY A 147 -14.41 -8.97 24.27
CA GLY A 147 -14.22 -7.65 24.84
C GLY A 147 -13.10 -6.81 24.25
N TYR A 148 -12.74 -7.04 22.99
CA TYR A 148 -11.65 -6.35 22.29
C TYR A 148 -12.17 -5.41 21.23
N PRO A 149 -11.77 -4.12 21.21
CA PRO A 149 -11.95 -3.35 19.98
C PRO A 149 -11.19 -4.01 18.85
N ASP A 150 -11.24 -3.42 17.66
CA ASP A 150 -10.29 -3.71 16.60
C ASP A 150 -9.45 -2.47 16.36
N TYR A 151 -8.20 -2.68 16.01
CA TYR A 151 -7.26 -1.58 16.03
C TYR A 151 -6.85 -1.16 14.62
N TYR A 152 -6.40 0.08 14.51
CA TYR A 152 -5.96 0.67 13.26
C TYR A 152 -4.45 0.80 13.31
N CYS A 153 -3.77 -0.20 12.76
CA CYS A 153 -2.33 -0.26 12.87
C CYS A 153 -1.65 0.42 11.69
N LYS A 154 -0.57 1.11 12.00
CA LYS A 154 0.44 1.49 11.03
C LYS A 154 1.62 0.57 11.20
N TRP A 155 2.17 0.14 10.08
CA TRP A 155 3.21 -0.86 10.06
C TRP A 155 4.56 -0.24 9.75
N GLN A 156 5.61 -0.75 10.36
CA GLN A 156 6.92 -0.18 10.06
C GLN A 156 7.28 -0.40 8.60
N GLY A 157 7.98 0.59 8.02
CA GLY A 157 8.44 0.47 6.63
C GLY A 157 7.32 0.77 5.63
N LEU A 158 6.14 0.18 5.87
CA LEU A 158 4.98 0.39 4.97
C LEU A 158 4.41 1.78 5.20
N PRO A 159 4.13 2.60 4.16
CA PRO A 159 3.47 3.92 4.33
C PRO A 159 2.14 3.95 5.09
N TYR A 160 1.59 5.14 5.30
CA TYR A 160 0.34 5.28 6.10
C TYR A 160 -0.86 4.82 5.28
N SER A 161 -0.70 4.64 3.97
CA SER A 161 -1.78 4.06 3.16
C SER A 161 -1.68 2.56 3.11
N GLU A 162 -0.79 1.98 3.91
CA GLU A 162 -0.72 0.56 4.15
C GLU A 162 -1.28 0.19 5.51
N CYS A 163 -2.13 1.04 6.09
CA CYS A 163 -2.71 0.85 7.41
C CYS A 163 -3.86 -0.14 7.34
N SER A 164 -4.26 -0.65 8.51
CA SER A 164 -5.29 -1.68 8.52
C SER A 164 -6.14 -1.60 9.80
N TRP A 165 -7.35 -2.13 9.70
CA TRP A 165 -8.15 -2.42 10.88
C TRP A 165 -7.77 -3.83 11.30
N GLU A 166 -6.99 -3.95 12.38
CA GLU A 166 -6.50 -5.24 12.84
C GLU A 166 -7.23 -5.68 14.09
N ASP A 167 -7.33 -7.00 14.26
CA ASP A 167 -7.97 -7.60 15.43
C ASP A 167 -7.32 -7.12 16.71
N GLY A 168 -8.12 -6.56 17.61
CA GLY A 168 -7.53 -6.07 18.85
C GLY A 168 -7.10 -7.18 19.77
N ALA A 169 -7.77 -8.33 19.71
CA ALA A 169 -7.31 -9.47 20.47
C ALA A 169 -5.99 -9.95 19.92
N LEU A 170 -5.82 -9.82 18.61
CA LEU A 170 -4.63 -10.33 17.94
C LEU A 170 -3.39 -9.51 18.27
N ILE A 171 -3.49 -8.19 18.23
CA ILE A 171 -2.27 -7.40 18.26
C ILE A 171 -1.77 -7.14 19.68
N SER A 172 -2.61 -7.31 20.69
CA SER A 172 -2.16 -7.20 22.07
C SER A 172 -1.21 -8.34 22.45
N LYS A 173 -1.29 -9.47 21.74
CA LYS A 173 -0.43 -10.59 22.10
C LYS A 173 1.04 -10.25 21.89
N LYS A 174 1.34 -9.33 20.96
CA LYS A 174 2.71 -8.94 20.67
C LYS A 174 2.97 -7.45 20.73
N PHE A 175 1.95 -6.61 20.73
CA PHE A 175 2.12 -5.16 20.73
C PHE A 175 1.22 -4.50 21.77
N GLN A 176 1.10 -5.11 22.95
CA GLN A 176 0.34 -4.46 23.98
C GLN A 176 0.92 -3.08 24.23
N ALA A 177 2.25 -2.96 24.26
CA ALA A 177 2.90 -1.67 24.41
C ALA A 177 2.42 -0.66 23.38
N CYS A 178 2.15 -1.09 22.15
CA CYS A 178 1.69 -0.12 21.18
C CYS A 178 0.25 0.26 21.45
N ILE A 179 -0.50 -0.65 22.08
CA ILE A 179 -1.87 -0.36 22.49
C ILE A 179 -1.90 0.56 23.69
N ASP A 180 -0.93 0.38 24.60
CA ASP A 180 -0.79 1.23 25.77
C ASP A 180 -0.55 2.68 25.37
N GLU A 181 0.32 2.91 24.41
CA GLU A 181 0.68 4.28 24.11
C GLU A 181 -0.43 5.00 23.35
N TYR A 182 -1.25 4.26 22.59
CA TYR A 182 -2.40 4.89 21.96
C TYR A 182 -3.31 5.51 23.02
N PHE A 183 -3.71 4.70 24.01
CA PHE A 183 -4.63 5.19 25.02
C PHE A 183 -3.98 6.25 25.90
N SER A 184 -2.65 6.19 26.08
CA SER A 184 -2.02 7.15 26.97
C SER A 184 -1.70 8.46 26.29
N ARG A 185 -1.79 8.55 24.95
CA ARG A 185 -1.74 9.83 24.26
C ARG A 185 -3.10 10.46 24.11
N LYS A 186 -4.06 10.04 24.94
CA LYS A 186 -5.28 10.81 25.22
C LYS A 186 -5.25 11.37 26.64
N LYS A 187 -5.12 10.50 27.65
CA LYS A 187 -4.99 10.89 29.06
C LYS A 187 -4.52 9.70 29.95
N GLU B 11 -5.55 -4.95 -28.86
CA GLU B 11 -5.88 -5.63 -27.60
C GLU B 11 -4.72 -5.74 -26.61
N GLU B 12 -3.79 -4.78 -26.68
CA GLU B 12 -2.75 -4.62 -25.67
C GLU B 12 -3.14 -3.41 -24.83
N PHE B 13 -3.69 -3.66 -23.65
CA PHE B 13 -3.94 -2.57 -22.70
C PHE B 13 -2.84 -2.55 -21.65
N GLU B 14 -2.89 -1.54 -20.80
CA GLU B 14 -1.97 -1.47 -19.67
C GLU B 14 -2.72 -1.92 -18.41
N THR B 15 -2.10 -1.70 -17.26
CA THR B 15 -2.52 -2.44 -16.08
C THR B 15 -1.89 -1.80 -14.83
N ILE B 16 -2.72 -1.11 -14.04
CA ILE B 16 -2.23 -0.50 -12.81
C ILE B 16 -1.70 -1.58 -11.90
N GLU B 17 -0.52 -1.34 -11.33
CA GLU B 17 0.04 -2.30 -10.39
C GLU B 17 -0.06 -1.81 -8.95
N ARG B 18 0.40 -0.59 -8.67
CA ARG B 18 0.32 -0.01 -7.33
C ARG B 18 0.22 1.50 -7.47
N PHE B 19 -0.54 2.12 -6.56
CA PHE B 19 -0.68 3.58 -6.53
C PHE B 19 0.36 4.16 -5.61
N MET B 20 1.15 5.11 -6.11
CA MET B 20 2.28 5.62 -5.34
C MET B 20 2.08 7.02 -4.78
N ASP B 21 1.18 7.80 -5.35
CA ASP B 21 1.12 9.20 -4.96
C ASP B 21 0.07 9.98 -5.74
N CYS B 22 -0.73 10.79 -5.04
CA CYS B 22 -1.57 11.78 -5.70
C CYS B 22 -0.95 13.14 -5.48
N ARG B 23 -1.36 14.10 -6.31
CA ARG B 23 -0.95 15.49 -6.17
C ARG B 23 -1.87 16.30 -7.06
N ILE B 24 -2.10 17.55 -6.65
CA ILE B 24 -2.72 18.53 -7.53
C ILE B 24 -1.69 19.00 -8.53
N GLY B 25 -2.08 19.02 -9.81
CA GLY B 25 -1.14 19.27 -10.86
C GLY B 25 -1.73 19.94 -12.07
N ARG B 26 -0.91 20.73 -12.75
CA ARG B 26 -1.27 21.38 -13.99
C ARG B 26 -2.11 20.46 -14.87
N LYS B 27 -3.23 21.00 -15.34
CA LYS B 27 -4.08 20.27 -16.29
C LYS B 27 -3.26 19.81 -17.49
N GLY B 28 -3.09 18.49 -17.61
CA GLY B 28 -2.37 17.89 -18.71
C GLY B 28 -0.92 17.53 -18.45
N ALA B 29 -0.46 17.58 -17.19
CA ALA B 29 0.90 17.16 -16.85
C ALA B 29 0.90 15.66 -16.51
N THR B 30 0.57 14.87 -17.52
CA THR B 30 0.45 13.43 -17.40
C THR B 30 1.19 12.79 -18.55
N GLY B 31 1.14 11.47 -18.60
CA GLY B 31 1.73 10.74 -19.70
C GLY B 31 3.18 10.42 -19.42
N ALA B 32 3.85 9.92 -20.46
CA ALA B 32 5.26 9.54 -20.44
C ALA B 32 6.20 10.72 -20.50
N THR B 33 5.68 11.93 -20.72
CA THR B 33 6.47 13.13 -20.49
C THR B 33 6.77 13.33 -19.03
N THR B 34 6.27 12.43 -18.19
CA THR B 34 6.40 12.55 -16.76
C THR B 34 7.36 11.54 -16.14
N THR B 35 7.71 10.46 -16.86
CA THR B 35 8.74 9.57 -16.33
C THR B 35 9.97 10.37 -15.94
N ILE B 36 10.63 9.92 -14.88
CA ILE B 36 11.76 10.66 -14.30
C ILE B 36 12.77 11.00 -15.37
N TYR B 37 12.98 10.05 -16.30
CA TYR B 37 13.97 10.16 -17.35
C TYR B 37 13.53 11.05 -18.48
N ALA B 38 12.22 11.30 -18.58
CA ALA B 38 11.73 12.28 -19.54
C ALA B 38 12.04 13.68 -19.06
N VAL B 39 11.83 13.94 -17.77
CA VAL B 39 11.89 15.30 -17.26
C VAL B 39 13.34 15.77 -17.19
N GLU B 40 14.26 14.89 -16.80
CA GLU B 40 15.67 15.22 -16.91
C GLU B 40 16.01 15.59 -18.35
N ALA B 41 15.64 14.72 -19.30
CA ALA B 41 15.78 15.03 -20.72
C ALA B 41 15.26 16.43 -21.01
N ASP B 42 13.94 16.55 -21.11
CA ASP B 42 13.29 17.81 -21.47
C ASP B 42 13.03 18.64 -20.22
N GLY B 43 11.79 18.61 -19.73
CA GLY B 43 11.46 19.39 -18.55
C GLY B 43 10.31 18.74 -17.83
N ASP B 44 9.89 19.38 -16.73
CA ASP B 44 8.75 18.90 -15.97
C ASP B 44 7.46 19.55 -16.44
N PRO B 45 6.55 18.82 -17.06
CA PRO B 45 5.25 19.41 -17.44
C PRO B 45 4.53 20.12 -16.31
N ASN B 46 4.73 19.69 -15.06
CA ASN B 46 4.08 20.31 -13.92
C ASN B 46 4.95 21.39 -13.30
N ALA B 47 5.90 21.91 -14.08
CA ALA B 47 6.88 22.85 -13.57
C ALA B 47 6.22 24.15 -13.14
N GLY B 48 6.51 24.57 -11.90
CA GLY B 48 6.11 25.88 -11.45
C GLY B 48 4.61 26.07 -11.50
N PHE B 49 3.90 25.24 -10.75
CA PHE B 49 2.45 25.26 -10.69
C PHE B 49 1.99 25.90 -9.38
N GLU B 50 0.79 26.47 -9.40
CA GLU B 50 0.18 27.11 -8.24
C GLU B 50 -1.26 27.41 -8.65
N LYS B 51 -2.04 27.96 -7.74
CA LYS B 51 -3.41 28.31 -8.13
C LYS B 51 -4.15 29.10 -7.06
N LYS B 53 -4.11 31.11 -10.13
CA LYS B 53 -3.33 31.14 -11.38
C LYS B 53 -3.77 30.08 -12.41
N GLU B 54 -3.80 28.80 -12.02
CA GLU B 54 -3.90 27.71 -12.98
C GLU B 54 -4.93 26.66 -12.55
N PRO B 55 -5.86 26.28 -13.44
CA PRO B 55 -6.74 25.12 -13.18
C PRO B 55 -5.99 23.90 -12.66
N GLY B 56 -6.40 23.40 -11.50
CA GLY B 56 -5.77 22.24 -10.92
C GLY B 56 -6.12 20.93 -11.60
N GLU B 57 -6.27 19.88 -10.81
CA GLU B 57 -6.44 18.55 -11.33
C GLU B 57 -5.97 17.59 -10.24
N ILE B 58 -6.28 16.31 -10.34
CA ILE B 58 -5.93 15.35 -9.31
C ILE B 58 -5.27 14.18 -10.01
N GLN B 59 -3.95 14.08 -9.88
CA GLN B 59 -3.11 13.21 -10.69
C GLN B 59 -2.40 12.18 -9.81
N TYR B 60 -2.37 10.95 -10.27
CA TYR B 60 -1.80 9.85 -9.53
C TYR B 60 -0.50 9.36 -10.18
N LEU B 61 0.38 8.81 -9.36
CA LEU B 61 1.64 8.23 -9.83
C LEU B 61 1.52 6.73 -9.81
N ILE B 62 1.43 6.13 -10.97
CA ILE B 62 1.18 4.71 -11.05
C ILE B 62 2.51 4.01 -11.29
N LYS B 63 2.66 2.85 -10.67
CA LYS B 63 3.68 1.86 -11.02
C LYS B 63 3.00 0.83 -11.93
N TRP B 64 3.46 0.73 -13.17
CA TRP B 64 2.84 -0.16 -14.15
C TRP B 64 3.28 -1.59 -13.90
N LYS B 65 2.37 -2.54 -14.11
CA LYS B 65 2.75 -3.95 -14.13
C LYS B 65 3.42 -4.23 -15.48
N GLY B 66 4.63 -4.80 -15.44
CA GLY B 66 5.46 -4.97 -16.62
C GLY B 66 6.74 -4.16 -16.60
N TRP B 67 6.71 -2.97 -15.99
CA TRP B 67 7.75 -1.95 -16.18
C TRP B 67 8.45 -1.58 -14.88
N SER B 68 9.76 -1.34 -14.96
CA SER B 68 10.52 -0.97 -13.77
C SER B 68 10.11 0.41 -13.29
N HIS B 69 10.42 0.70 -12.02
CA HIS B 69 9.91 1.94 -11.44
C HIS B 69 10.31 3.18 -12.20
N ILE B 70 11.35 3.12 -13.04
CA ILE B 70 11.71 4.34 -13.75
C ILE B 70 10.52 4.88 -14.51
N HIS B 71 9.61 3.99 -14.92
CA HIS B 71 8.52 4.34 -15.82
C HIS B 71 7.27 4.78 -15.10
N ASN B 72 7.38 5.24 -13.87
CA ASN B 72 6.23 5.75 -13.15
C ASN B 72 5.79 7.08 -13.74
N THR B 73 4.51 7.17 -14.05
CA THR B 73 3.94 8.34 -14.69
C THR B 73 2.75 8.82 -13.89
N TRP B 74 2.62 10.14 -13.77
CA TRP B 74 1.47 10.74 -13.14
C TRP B 74 0.30 10.73 -14.09
N GLU B 75 -0.86 10.32 -13.59
CA GLU B 75 -2.05 10.26 -14.43
C GLU B 75 -3.29 10.72 -13.65
N THR B 76 -4.32 11.05 -14.40
CA THR B 76 -5.63 11.38 -13.88
C THR B 76 -6.59 10.23 -14.12
N GLU B 77 -7.61 10.14 -13.26
CA GLU B 77 -8.66 9.13 -13.39
C GLU B 77 -9.27 9.10 -14.77
N GLU B 78 -9.24 10.23 -15.47
CA GLU B 78 -9.66 10.31 -16.87
C GLU B 78 -8.73 9.48 -17.74
N THR B 79 -7.47 9.92 -17.87
CA THR B 79 -6.55 9.32 -18.83
C THR B 79 -6.22 7.86 -18.51
N LEU B 80 -6.61 7.37 -17.33
CA LEU B 80 -6.52 5.93 -17.06
C LEU B 80 -7.66 5.19 -17.72
N LYS B 81 -8.88 5.70 -17.57
CA LYS B 81 -10.02 5.14 -18.29
C LYS B 81 -9.88 5.36 -19.79
N GLN B 82 -9.58 6.60 -20.19
CA GLN B 82 -9.46 6.92 -21.60
C GLN B 82 -8.57 5.92 -22.32
N GLN B 83 -7.60 5.36 -21.61
CA GLN B 83 -6.70 4.34 -22.12
C GLN B 83 -6.99 3.00 -21.46
N ASN B 84 -8.28 2.67 -21.32
CA ASN B 84 -8.78 1.39 -20.80
C ASN B 84 -7.85 0.76 -19.78
N VAL B 85 -7.15 1.55 -18.97
CA VAL B 85 -6.12 0.97 -18.04
C VAL B 85 -6.79 0.00 -17.07
N ARG B 86 -6.33 -1.25 -17.05
CA ARG B 86 -6.96 -2.29 -16.20
C ARG B 86 -6.49 -2.22 -14.74
N GLY B 87 -7.40 -2.39 -13.79
CA GLY B 87 -7.07 -2.21 -12.37
C GLY B 87 -7.71 -0.98 -11.77
N MET B 88 -8.86 -0.55 -12.33
CA MET B 88 -9.57 0.59 -11.74
C MET B 88 -10.12 0.32 -10.34
N LYS B 89 -10.50 -0.94 -10.06
CA LYS B 89 -10.96 -1.24 -8.72
C LYS B 89 -9.97 -0.73 -7.69
N LYS B 90 -8.66 -0.78 -8.00
CA LYS B 90 -7.64 -0.35 -7.04
C LYS B 90 -7.57 1.16 -6.88
N LEU B 91 -8.12 1.93 -7.84
CA LEU B 91 -8.20 3.37 -7.69
C LEU B 91 -9.33 3.79 -6.75
N ASP B 92 -10.37 2.97 -6.61
CA ASP B 92 -11.38 3.25 -5.60
C ASP B 92 -10.81 3.02 -4.20
N ASN B 93 -10.33 1.80 -3.93
CA ASN B 93 -9.74 1.47 -2.64
C ASN B 93 -8.65 2.44 -2.21
N TYR B 94 -8.21 3.32 -3.10
CA TYR B 94 -7.16 4.28 -2.78
C TYR B 94 -7.73 5.67 -2.56
N LYS B 95 -8.66 6.11 -3.41
CA LYS B 95 -9.35 7.38 -3.18
C LYS B 95 -10.06 7.37 -1.83
N LYS B 96 -10.68 6.25 -1.48
CA LYS B 96 -11.23 6.12 -0.13
C LYS B 96 -10.11 6.24 0.90
N LYS B 97 -9.06 5.43 0.75
CA LYS B 97 -7.97 5.46 1.73
C LYS B 97 -7.28 6.81 1.76
N ASP B 98 -7.54 7.67 0.80
CA ASP B 98 -7.00 9.00 1.00
C ASP B 98 -7.98 9.90 1.75
N GLN B 99 -9.24 10.01 1.31
CA GLN B 99 -10.21 10.81 2.05
C GLN B 99 -10.21 10.45 3.52
N GLU B 100 -10.16 9.15 3.82
CA GLU B 100 -10.22 8.69 5.20
C GLU B 100 -9.06 9.25 6.00
N THR B 101 -7.85 9.23 5.43
CA THR B 101 -6.70 9.77 6.12
C THR B 101 -6.57 11.29 6.04
N LYS B 102 -7.31 11.96 5.18
CA LYS B 102 -7.27 13.42 5.26
C LYS B 102 -8.21 13.94 6.34
N ARG B 103 -9.40 13.32 6.47
CA ARG B 103 -10.27 13.59 7.60
C ARG B 103 -9.54 13.48 8.93
N TRP B 104 -8.67 12.46 9.04
CA TRP B 104 -7.95 12.16 10.28
C TRP B 104 -6.82 13.12 10.53
N LEU B 105 -6.43 13.89 9.52
CA LEU B 105 -5.53 15.00 9.73
C LEU B 105 -6.29 16.25 10.15
N LYS B 106 -7.62 16.23 10.01
CA LYS B 106 -8.44 17.36 10.42
C LYS B 106 -8.28 17.64 11.92
N ASN B 107 -8.15 16.57 12.73
CA ASN B 107 -8.19 16.66 14.18
C ASN B 107 -7.11 15.82 14.85
N ALA B 108 -6.00 15.55 14.19
CA ALA B 108 -4.96 14.77 14.85
C ALA B 108 -4.10 15.66 15.75
N SER B 109 -3.66 15.09 16.88
CA SER B 109 -2.74 15.84 17.73
C SER B 109 -1.42 16.09 17.00
N PRO B 110 -0.80 17.25 17.21
CA PRO B 110 0.47 17.55 16.53
C PRO B 110 1.52 16.46 16.65
N GLU B 111 1.59 15.77 17.79
CA GLU B 111 2.48 14.63 17.89
C GLU B 111 2.20 13.62 16.78
N ASP B 112 0.96 13.13 16.74
CA ASP B 112 0.56 12.19 15.71
C ASP B 112 0.82 12.76 14.33
N VAL B 113 0.62 14.07 14.15
CA VAL B 113 0.83 14.67 12.86
C VAL B 113 2.30 14.78 12.52
N GLU B 114 3.17 14.78 13.52
CA GLU B 114 4.59 14.93 13.22
C GLU B 114 5.24 13.58 12.95
N TYR B 115 4.88 12.57 13.73
CA TYR B 115 5.15 11.19 13.36
C TYR B 115 4.74 10.91 11.92
N TYR B 116 3.54 11.35 11.51
CA TYR B 116 3.09 11.09 10.14
C TYR B 116 3.94 11.82 9.12
N ASN B 117 4.70 12.82 9.55
CA ASN B 117 5.56 13.52 8.61
C ASN B 117 6.95 12.88 8.53
N CYS B 118 7.48 12.45 9.67
CA CYS B 118 8.71 11.65 9.65
C CYS B 118 8.54 10.43 8.77
N GLN B 119 7.49 9.65 9.04
CA GLN B 119 7.32 8.32 8.45
C GLN B 119 6.79 8.36 7.03
N GLN B 120 6.35 9.52 6.54
CA GLN B 120 6.01 9.67 5.13
C GLN B 120 7.16 10.26 4.33
N GLU B 121 8.00 11.08 4.96
CA GLU B 121 9.24 11.54 4.32
C GLU B 121 10.25 10.42 4.16
N LEU B 122 10.24 9.45 5.08
CA LEU B 122 11.11 8.30 4.98
C LEU B 122 10.64 7.45 3.81
N THR B 123 9.42 6.92 3.95
CA THR B 123 8.74 6.21 2.88
C THR B 123 9.05 6.78 1.52
N ASP B 124 8.67 8.04 1.30
CA ASP B 124 8.79 8.55 -0.06
C ASP B 124 10.24 8.58 -0.54
N ASP B 125 11.20 8.32 0.34
CA ASP B 125 12.59 8.19 -0.10
C ASP B 125 12.88 6.81 -0.68
N LEU B 126 12.77 5.77 0.15
CA LEU B 126 12.94 4.40 -0.30
C LEU B 126 12.24 4.24 -1.64
N HIS B 127 11.13 4.94 -1.84
CA HIS B 127 10.47 4.92 -3.13
C HIS B 127 11.28 5.68 -4.16
N LYS B 128 11.94 6.76 -3.76
CA LYS B 128 12.67 7.54 -4.76
C LYS B 128 13.92 6.82 -5.25
N GLN B 129 14.29 5.71 -4.62
CA GLN B 129 15.48 4.98 -4.96
C GLN B 129 15.22 3.64 -5.64
N TYR B 130 13.98 3.14 -5.62
CA TYR B 130 13.60 2.06 -6.53
C TYR B 130 13.95 2.39 -7.97
N GLN B 131 14.42 3.62 -8.22
CA GLN B 131 14.76 4.12 -9.54
C GLN B 131 16.27 4.28 -9.73
N ILE B 132 17.05 4.00 -8.72
CA ILE B 132 18.50 3.97 -8.83
C ILE B 132 18.94 2.54 -9.05
N VAL B 133 19.92 2.37 -9.96
CA VAL B 133 20.59 1.11 -10.21
C VAL B 133 21.76 0.97 -9.24
N GLY B 134 21.83 -0.20 -8.58
CA GLY B 134 22.94 -0.53 -7.75
C GLY B 134 23.85 -1.59 -8.36
N ARG B 135 23.49 -2.07 -9.57
CA ARG B 135 24.23 -3.13 -10.26
C ARG B 135 23.60 -3.56 -11.59
N ILE B 136 24.36 -3.51 -12.67
CA ILE B 136 24.04 -4.20 -13.92
C ILE B 136 24.64 -5.60 -13.87
N ILE B 137 23.82 -6.59 -14.16
CA ILE B 137 24.31 -7.96 -14.02
C ILE B 137 23.98 -8.81 -15.24
N ALA B 138 24.01 -8.18 -16.42
CA ALA B 138 23.83 -8.88 -17.68
C ALA B 138 23.45 -7.89 -18.79
N HIS B 139 23.62 -8.31 -20.03
CA HIS B 139 23.43 -7.45 -21.19
C HIS B 139 23.00 -8.32 -22.36
N SER B 140 22.40 -7.71 -23.36
CA SER B 140 21.89 -8.58 -24.42
C SER B 140 23.01 -8.99 -25.37
N ASN B 141 22.75 -10.05 -26.14
CA ASN B 141 23.60 -10.42 -27.24
C ASN B 141 23.27 -9.64 -28.50
N GLN B 142 22.41 -8.62 -28.36
CA GLN B 142 21.74 -7.97 -29.49
C GLN B 142 21.79 -6.46 -29.25
N LYS B 143 22.59 -5.76 -30.03
CA LYS B 143 22.61 -4.30 -29.95
C LYS B 143 21.41 -3.73 -30.72
N SER B 144 21.38 -2.41 -30.87
CA SER B 144 20.29 -1.77 -31.59
C SER B 144 20.87 -1.00 -32.77
N ALA B 145 20.09 -0.11 -33.37
CA ALA B 145 20.64 0.81 -34.34
C ALA B 145 21.91 1.45 -33.78
N ALA B 146 21.77 2.21 -32.70
CA ALA B 146 22.92 2.69 -31.94
C ALA B 146 23.46 1.57 -31.06
N GLY B 147 24.79 1.44 -31.02
CA GLY B 147 25.45 0.32 -30.38
C GLY B 147 25.16 0.15 -28.91
N TYR B 148 23.93 -0.24 -28.59
CA TYR B 148 23.44 -0.29 -27.20
C TYR B 148 22.81 -1.64 -27.00
N PRO B 149 23.33 -2.47 -26.10
CA PRO B 149 22.57 -3.62 -25.62
C PRO B 149 21.54 -3.17 -24.60
N ASP B 150 20.59 -4.05 -24.31
CA ASP B 150 19.73 -3.85 -23.16
C ASP B 150 20.42 -4.45 -21.95
N TYR B 151 20.10 -3.92 -20.76
CA TYR B 151 20.80 -4.30 -19.52
C TYR B 151 19.85 -4.77 -18.44
N TYR B 152 20.30 -5.78 -17.69
CA TYR B 152 19.56 -6.40 -16.59
C TYR B 152 20.01 -5.71 -15.32
N CYS B 153 19.13 -4.86 -14.78
CA CYS B 153 19.46 -4.02 -13.63
C CYS B 153 19.08 -4.69 -12.32
N LYS B 154 19.93 -4.50 -11.31
CA LYS B 154 19.55 -4.65 -9.92
C LYS B 154 19.28 -3.26 -9.36
N TRP B 155 18.19 -3.16 -8.62
CA TRP B 155 17.58 -1.90 -8.21
C TRP B 155 17.80 -1.69 -6.73
N GLN B 156 17.73 -0.43 -6.33
CA GLN B 156 18.00 -0.07 -4.95
C GLN B 156 16.71 -0.05 -4.13
N GLY B 157 16.73 -0.78 -3.02
CA GLY B 157 15.54 -0.99 -2.22
C GLY B 157 15.04 -2.35 -2.59
N LEU B 158 14.67 -2.48 -3.86
CA LEU B 158 13.98 -3.65 -4.36
C LEU B 158 14.79 -4.91 -4.12
N PRO B 159 14.15 -6.09 -4.20
CA PRO B 159 14.88 -7.37 -4.21
C PRO B 159 15.50 -7.73 -5.57
N TYR B 160 15.95 -8.98 -5.70
CA TYR B 160 16.47 -9.38 -6.99
C TYR B 160 15.41 -9.90 -7.92
N SER B 161 14.18 -10.06 -7.45
CA SER B 161 13.06 -10.44 -8.31
C SER B 161 12.37 -9.22 -8.90
N GLU B 162 12.98 -8.05 -8.80
CA GLU B 162 12.52 -6.88 -9.50
C GLU B 162 13.45 -6.47 -10.63
N CYS B 163 14.62 -7.12 -10.76
CA CYS B 163 15.55 -6.85 -11.86
C CYS B 163 14.78 -6.79 -13.18
N SER B 164 15.25 -5.94 -14.09
CA SER B 164 14.57 -5.81 -15.36
C SER B 164 15.54 -5.48 -16.49
N TRP B 165 15.45 -6.23 -17.58
CA TRP B 165 16.01 -5.83 -18.85
C TRP B 165 15.61 -4.40 -19.19
N GLU B 166 16.58 -3.51 -19.38
CA GLU B 166 16.26 -2.11 -19.57
C GLU B 166 17.15 -1.50 -20.64
N ASP B 167 16.54 -0.75 -21.55
CA ASP B 167 17.23 -0.01 -22.60
C ASP B 167 18.63 0.43 -22.23
N GLY B 168 19.66 -0.25 -22.73
CA GLY B 168 21.01 0.20 -22.47
C GLY B 168 21.22 1.67 -22.79
N ALA B 169 20.65 2.13 -23.91
CA ALA B 169 20.71 3.55 -24.24
C ALA B 169 20.22 4.40 -23.08
N LEU B 170 19.04 4.06 -22.57
CA LEU B 170 18.45 4.87 -21.51
C LEU B 170 19.31 4.85 -20.25
N ILE B 171 19.76 3.66 -19.83
CA ILE B 171 20.49 3.61 -18.57
C ILE B 171 21.87 4.25 -18.72
N SER B 172 22.50 4.08 -19.89
CA SER B 172 23.81 4.70 -20.09
C SER B 172 23.77 6.23 -19.93
N LYS B 173 22.58 6.84 -20.00
CA LYS B 173 22.48 8.29 -19.94
C LYS B 173 22.53 8.83 -18.51
N LYS B 174 22.38 7.98 -17.49
CA LYS B 174 22.46 8.40 -16.09
C LYS B 174 23.27 7.46 -15.21
N PHE B 175 23.56 6.24 -15.66
CA PHE B 175 24.32 5.25 -14.92
C PHE B 175 25.33 4.60 -15.86
N GLN B 176 26.24 5.40 -16.41
CA GLN B 176 27.28 4.78 -17.20
C GLN B 176 28.28 4.09 -16.29
N ALA B 177 28.62 4.72 -15.18
CA ALA B 177 29.48 4.12 -14.17
C ALA B 177 29.09 2.67 -13.88
N CYS B 178 27.81 2.36 -13.88
CA CYS B 178 27.41 1.01 -13.48
C CYS B 178 27.60 0.02 -14.61
N ILE B 179 27.31 0.42 -15.84
CA ILE B 179 27.52 -0.51 -16.95
C ILE B 179 29.00 -0.77 -17.07
N ASP B 180 29.81 0.23 -16.76
CA ASP B 180 31.25 0.15 -16.86
C ASP B 180 31.79 -0.90 -15.89
N GLU B 181 31.85 -0.60 -14.60
CA GLU B 181 32.18 -1.62 -13.60
C GLU B 181 31.54 -2.97 -13.87
N TYR B 182 30.43 -3.00 -14.60
CA TYR B 182 29.92 -4.29 -15.02
C TYR B 182 30.95 -4.96 -15.90
N PHE B 183 31.36 -4.30 -16.98
CA PHE B 183 32.28 -4.88 -17.95
C PHE B 183 33.69 -5.04 -17.38
N SER B 184 34.11 -4.15 -16.47
CA SER B 184 35.44 -4.24 -15.87
C SER B 184 35.53 -5.35 -14.81
N ARG B 185 34.86 -6.48 -15.09
CA ARG B 185 34.80 -7.63 -14.13
C ARG B 185 34.57 -8.90 -14.96
N LYS B 186 34.07 -8.76 -16.19
CA LYS B 186 33.80 -9.85 -17.09
C LYS B 186 35.10 -10.21 -17.82
N GLU C 11 -39.59 24.78 20.05
CA GLU C 11 -38.86 24.01 21.04
C GLU C 11 -37.48 24.64 21.34
N GLU C 12 -36.45 24.14 20.66
CA GLU C 12 -35.07 24.60 20.82
C GLU C 12 -34.18 23.93 19.77
N PHE C 13 -34.26 24.39 18.53
CA PHE C 13 -33.77 23.60 17.41
C PHE C 13 -32.32 23.91 17.10
N GLU C 14 -31.70 22.95 16.42
CA GLU C 14 -30.32 23.03 15.96
C GLU C 14 -30.32 23.58 14.54
N THR C 15 -29.18 24.14 14.15
CA THR C 15 -29.08 24.81 12.85
C THR C 15 -27.90 24.26 12.07
N ILE C 16 -28.13 23.95 10.81
CA ILE C 16 -27.11 23.38 9.95
C ILE C 16 -26.37 24.49 9.23
N GLU C 17 -25.10 24.74 9.64
CA GLU C 17 -24.25 25.84 9.17
C GLU C 17 -23.58 25.50 7.86
N ARG C 18 -22.74 24.47 7.78
CA ARG C 18 -22.20 24.08 6.48
C ARG C 18 -22.23 22.57 6.32
N PHE C 19 -22.11 22.12 5.08
CA PHE C 19 -22.06 20.70 4.77
C PHE C 19 -20.60 20.41 4.48
N MET C 20 -19.95 19.66 5.38
CA MET C 20 -18.50 19.55 5.32
C MET C 20 -17.98 18.45 4.42
N ASP C 21 -18.78 17.43 4.14
CA ASP C 21 -18.17 16.22 3.60
C ASP C 21 -19.31 15.25 3.32
N CYS C 22 -19.09 14.32 2.40
CA CYS C 22 -20.06 13.26 2.13
C CYS C 22 -19.50 11.90 2.55
N ARG C 23 -20.34 10.87 2.55
CA ARG C 23 -19.81 9.57 2.99
C ARG C 23 -20.84 8.47 2.70
N ILE C 24 -20.33 7.24 2.57
CA ILE C 24 -21.13 6.00 2.57
C ILE C 24 -20.69 5.27 3.83
N GLY C 25 -21.55 5.28 4.86
CA GLY C 25 -21.17 4.78 6.15
C GLY C 25 -22.16 3.77 6.72
N ARG C 26 -21.63 2.88 7.55
CA ARG C 26 -22.44 1.89 8.24
C ARG C 26 -23.71 2.55 8.72
N LYS C 27 -24.84 1.84 8.58
CA LYS C 27 -26.08 2.37 9.13
C LYS C 27 -25.95 2.52 10.64
N GLY C 28 -26.27 3.71 11.15
CA GLY C 28 -26.21 4.02 12.55
C GLY C 28 -25.01 4.85 12.95
N ALA C 29 -23.90 4.71 12.22
CA ALA C 29 -22.67 5.43 12.49
C ALA C 29 -22.86 6.94 12.42
N THR C 30 -23.98 7.43 12.95
CA THR C 30 -24.37 8.83 12.99
C THR C 30 -24.45 9.30 14.45
N GLY C 31 -24.94 10.54 14.64
CA GLY C 31 -25.24 11.03 15.96
C GLY C 31 -24.04 11.55 16.73
N ALA C 32 -24.26 11.77 18.02
CA ALA C 32 -23.19 12.28 18.88
C ALA C 32 -22.01 11.32 18.97
N THR C 33 -22.19 10.06 18.56
CA THR C 33 -21.12 9.08 18.45
C THR C 33 -20.15 9.35 17.31
N THR C 34 -20.29 10.47 16.60
CA THR C 34 -19.40 10.79 15.49
C THR C 34 -18.67 12.10 15.70
N THR C 35 -18.69 12.66 16.91
CA THR C 35 -17.75 13.73 17.23
C THR C 35 -16.42 13.12 17.65
N ILE C 36 -15.35 13.77 17.18
CA ILE C 36 -13.99 13.31 17.42
C ILE C 36 -13.84 12.83 18.87
N TYR C 37 -14.17 13.70 19.83
CA TYR C 37 -13.85 13.40 21.22
C TYR C 37 -14.61 12.19 21.75
N ALA C 38 -15.67 11.74 21.06
CA ALA C 38 -16.27 10.43 21.29
C ALA C 38 -15.49 9.35 20.56
N VAL C 39 -15.37 9.49 19.25
CA VAL C 39 -14.64 8.55 18.40
C VAL C 39 -13.23 8.30 18.93
N GLU C 40 -12.67 9.25 19.70
CA GLU C 40 -11.39 9.02 20.36
C GLU C 40 -11.54 8.29 21.69
N ALA C 41 -12.72 8.37 22.32
CA ALA C 41 -12.95 7.79 23.64
C ALA C 41 -13.56 6.40 23.59
N ASP C 42 -14.36 6.13 22.56
CA ASP C 42 -15.13 4.90 22.48
C ASP C 42 -14.83 4.11 21.22
N GLY C 43 -14.18 4.72 20.25
CA GLY C 43 -13.97 4.18 18.92
C GLY C 43 -14.93 4.84 17.96
N ASP C 44 -14.96 4.31 16.73
CA ASP C 44 -15.85 4.86 15.70
C ASP C 44 -16.95 3.88 15.32
N PRO C 45 -18.20 4.33 15.23
CA PRO C 45 -19.26 3.39 14.83
C PRO C 45 -19.12 2.97 13.38
N ASN C 46 -18.50 3.79 12.55
CA ASN C 46 -18.23 3.41 11.19
C ASN C 46 -17.00 2.50 11.11
N ALA C 47 -16.04 2.68 12.00
CA ALA C 47 -14.80 1.91 12.03
C ALA C 47 -14.29 1.58 10.64
N GLY C 48 -14.16 0.28 10.37
CA GLY C 48 -13.72 -0.20 9.07
C GLY C 48 -14.88 -0.70 8.21
N PHE C 49 -15.53 0.20 7.51
CA PHE C 49 -16.70 -0.10 6.70
C PHE C 49 -16.30 -0.05 5.22
N GLU C 50 -16.47 -1.18 4.55
CA GLU C 50 -16.47 -1.28 3.10
C GLU C 50 -17.87 -1.65 2.62
N LYS C 51 -18.22 -1.21 1.41
CA LYS C 51 -19.54 -1.41 0.82
C LYS C 51 -19.83 -2.90 0.60
N ASN C 52 -18.85 -3.74 0.91
CA ASN C 52 -19.05 -5.19 0.98
C ASN C 52 -20.16 -5.53 1.96
N LYS C 53 -19.96 -5.21 3.24
CA LYS C 53 -21.06 -5.16 4.19
C LYS C 53 -22.10 -4.14 3.76
N GLU C 54 -23.35 -4.48 3.95
CA GLU C 54 -24.37 -3.58 3.42
C GLU C 54 -25.12 -2.91 4.58
N PRO C 55 -24.43 -2.37 5.57
CA PRO C 55 -25.05 -1.30 6.35
C PRO C 55 -25.36 -0.12 5.46
N GLY C 56 -24.71 -0.07 4.29
CA GLY C 56 -24.70 1.04 3.36
C GLY C 56 -25.67 2.17 3.61
N GLU C 57 -25.16 3.38 3.83
CA GLU C 57 -26.02 4.54 3.85
C GLU C 57 -25.17 5.77 3.59
N ILE C 58 -25.84 6.85 3.19
CA ILE C 58 -25.16 8.09 2.82
C ILE C 58 -25.45 9.16 3.88
N GLN C 59 -24.38 9.67 4.50
CA GLN C 59 -24.40 10.54 5.67
C GLN C 59 -23.60 11.79 5.37
N TYR C 60 -23.65 12.76 6.28
CA TYR C 60 -22.99 14.04 6.03
C TYR C 60 -22.28 14.56 7.26
N LEU C 61 -21.04 14.98 7.11
CA LEU C 61 -20.38 15.73 8.17
C LEU C 61 -20.98 17.14 8.16
N ILE C 62 -21.84 17.41 9.13
CA ILE C 62 -22.54 18.68 9.20
C ILE C 62 -21.84 19.55 10.23
N LYS C 63 -21.43 20.71 9.78
CA LYS C 63 -20.91 21.73 10.67
C LYS C 63 -22.10 22.52 11.22
N TRP C 64 -22.13 22.70 12.53
CA TRP C 64 -23.28 23.24 13.22
C TRP C 64 -23.09 24.73 13.50
N LYS C 65 -24.20 25.41 13.70
CA LYS C 65 -24.20 26.83 14.04
C LYS C 65 -23.91 27.02 15.52
N GLY C 66 -23.16 28.07 15.85
CA GLY C 66 -22.87 28.34 17.24
C GLY C 66 -22.17 27.22 17.97
N TRP C 67 -21.33 26.46 17.27
CA TRP C 67 -20.44 25.48 17.87
C TRP C 67 -19.18 25.36 17.01
N SER C 68 -18.02 25.22 17.65
CA SER C 68 -16.79 25.06 16.89
C SER C 68 -16.87 23.78 16.10
N HIS C 69 -15.85 23.53 15.28
CA HIS C 69 -15.90 22.44 14.32
C HIS C 69 -15.68 21.09 14.99
N ILE C 70 -15.24 21.07 16.25
CA ILE C 70 -14.95 19.81 16.91
C ILE C 70 -16.21 19.06 17.27
N HIS C 71 -17.38 19.70 17.12
CA HIS C 71 -18.70 19.18 17.42
C HIS C 71 -19.43 18.64 16.20
N ASN C 72 -18.86 18.80 15.02
CA ASN C 72 -19.46 18.28 13.82
C ASN C 72 -19.79 16.81 13.98
N THR C 73 -20.82 16.38 13.27
CA THR C 73 -21.37 15.05 13.35
C THR C 73 -21.75 14.58 11.95
N TRP C 74 -21.70 13.27 11.73
CA TRP C 74 -22.29 12.67 10.55
C TRP C 74 -23.78 12.42 10.81
N GLU C 75 -24.62 12.67 9.80
CA GLU C 75 -26.07 12.76 10.00
C GLU C 75 -26.82 12.46 8.71
N THR C 76 -27.86 11.64 8.81
CA THR C 76 -28.69 11.27 7.68
C THR C 76 -29.73 12.37 7.39
N GLU C 77 -30.24 12.38 6.16
CA GLU C 77 -31.52 13.04 5.93
C GLU C 77 -32.56 12.58 6.96
N GLU C 78 -32.73 11.26 7.08
CA GLU C 78 -33.50 10.62 8.14
C GLU C 78 -33.35 11.38 9.46
N THR C 79 -32.10 11.53 9.91
CA THR C 79 -31.84 11.99 11.27
C THR C 79 -31.95 13.52 11.39
N LEU C 80 -31.54 14.24 10.35
CA LEU C 80 -31.76 15.68 10.31
C LEU C 80 -33.25 15.98 10.48
N LYS C 81 -34.10 15.34 9.67
CA LYS C 81 -35.53 15.60 9.73
C LYS C 81 -36.15 15.07 11.02
N GLN C 82 -35.57 14.03 11.64
CA GLN C 82 -36.10 13.62 12.94
C GLN C 82 -35.93 14.71 13.97
N GLN C 83 -34.77 15.39 13.95
CA GLN C 83 -34.46 16.45 14.90
C GLN C 83 -35.00 17.80 14.47
N ASN C 84 -35.70 17.89 13.33
CA ASN C 84 -36.29 19.13 12.86
C ASN C 84 -35.28 20.25 12.74
N VAL C 85 -34.02 19.90 12.53
CA VAL C 85 -32.97 20.90 12.36
C VAL C 85 -33.48 22.00 11.43
N ARG C 86 -32.87 23.17 11.50
CA ARG C 86 -33.22 24.24 10.58
C ARG C 86 -32.24 24.26 9.41
N GLY C 87 -32.66 24.89 8.31
CA GLY C 87 -31.82 25.00 7.15
C GLY C 87 -31.68 23.76 6.30
N MET C 88 -32.73 22.93 6.21
CA MET C 88 -32.73 21.83 5.24
C MET C 88 -32.71 22.34 3.80
N LYS C 89 -32.93 23.65 3.60
CA LYS C 89 -32.81 24.23 2.26
C LYS C 89 -31.41 24.01 1.68
N LYS C 90 -30.37 23.99 2.53
CA LYS C 90 -29.04 23.72 2.02
C LYS C 90 -28.75 22.24 1.90
N LEU C 91 -29.55 21.38 2.53
CA LEU C 91 -29.39 19.94 2.29
C LEU C 91 -29.55 19.61 0.81
N ASP C 92 -30.75 19.86 0.26
CA ASP C 92 -30.99 19.49 -1.14
C ASP C 92 -30.11 20.31 -2.08
N ASN C 93 -29.93 21.61 -1.77
CA ASN C 93 -28.88 22.37 -2.43
C ASN C 93 -27.60 21.55 -2.47
N TYR C 94 -27.23 20.94 -1.35
CA TYR C 94 -26.06 20.10 -1.39
C TYR C 94 -26.27 18.92 -2.32
N LYS C 95 -27.46 18.33 -2.28
CA LYS C 95 -27.76 17.20 -3.16
C LYS C 95 -27.57 17.58 -4.62
N LYS C 96 -28.37 18.54 -5.10
CA LYS C 96 -28.32 19.01 -6.49
C LYS C 96 -26.92 19.40 -6.99
C10 X31 D . -14.83 -13.31 8.20
C13 X31 D . -15.66 -15.45 9.96
C15 X31 D . -11.04 -14.75 7.39
C20 X31 D . -8.10 -12.64 11.19
C21 X31 D . -7.92 -12.05 12.58
C22 X31 D . -6.59 -12.30 13.30
C24 X31 D . -6.35 -14.42 14.69
C26 X31 D . -8.30 -15.12 13.16
C01 X31 D . -10.60 -14.32 3.00
C03 X31 D . -10.30 -15.20 5.14
C04 X31 D . -11.32 -15.02 6.05
C06 X31 D . -13.45 -15.99 6.30
C07 X31 D . -14.88 -15.72 5.80
C08 X31 D . -15.62 -14.63 6.60
C11 X31 D . -14.64 -13.23 9.72
C12 X31 D . -14.67 -14.50 10.43
C14 X31 D . -16.28 -15.10 8.62
C16 X31 D . -9.68 -14.68 7.81
C18 X31 D . -8.13 -14.37 9.58
C23 X31 D . -6.86 -12.99 14.64
C25 X31 D . -7.41 -15.48 14.35
C27 X31 D . -7.57 -15.22 11.82
C29 X31 D . -7.34 -14.81 7.41
C31 X31 D . -6.24 -13.78 5.60
C32 X31 D . -5.31 -16.14 6.38
C33 X31 D . -4.89 -16.21 4.96
C34 X31 D . -5.53 -17.29 4.09
C36 X31 D . -5.00 -19.95 4.21
C37 X31 D . -4.27 -20.10 2.87
C39 X31 D . -6.25 -18.54 6.04
C40 X31 D . -5.87 -17.38 6.97
C41 X31 D . -8.68 -14.86 6.93
C42 X31 D . -8.96 -15.14 5.54
N09 X31 D . -15.24 -14.61 7.77
N17 X31 D . -9.41 -14.43 9.13
N19 X31 D . -7.90 -14.06 11.02
N28 X31 D . -7.10 -14.55 8.69
N30 X31 D . -6.26 -14.97 6.45
N35 X31 D . -5.53 -18.66 4.73
O02 X31 D . -10.64 -15.45 3.81
O05 X31 D . -12.65 -15.10 5.57
O38 X31 D . -5.11 -20.96 4.84
H102 X31 D . -15.59 -12.59 7.91
H101 X31 D . -13.90 -13.05 7.72
H132 X31 D . -16.46 -15.50 10.70
H131 X31 D . -15.19 -16.43 9.88
H151 X31 D . -11.85 -14.61 8.11
H201 X31 D . -9.12 -12.41 10.88
H202 X31 D . -7.41 -12.13 10.53
H211 X31 D . -8.72 -12.45 13.22
H212 X31 D . -8.04 -10.97 12.50
H222 X31 D . -6.09 -11.36 13.47
H221 X31 D . -5.97 -12.94 12.68
H241 X31 D . -5.99 -14.62 15.69
H242 X31 D . -5.53 -14.52 13.98
H261 X31 D . -8.66 -14.11 13.29
H262 X31 D . -9.14 -15.79 13.14
H013 X31 D . -11.13 -14.52 2.07
H012 X31 D . -9.57 -14.06 2.79
H011 X31 D . -11.08 -13.49 3.52
H061 X31 D . -13.37 -15.78 7.36
H062 X31 D . -13.16 -17.01 6.10
H072 X31 D . -15.45 -16.65 5.86
H071 X31 D . -14.83 -15.41 4.76
H081 X31 D . -16.68 -14.83 6.58
H082 X31 D . -15.42 -13.66 6.16
H111 X31 D . -15.43 -12.61 10.13
H112 X31 D . -13.69 -12.77 9.92
H121 X31 D . -14.86 -14.30 11.47
H122 X31 D . -13.69 -14.96 10.31
H141 X31 D . -17.04 -14.33 8.73
H142 X31 D . -16.73 -15.98 8.17
H232 X31 D . -7.94 -12.99 14.82
H231 X31 D . -6.38 -12.42 15.42
H251 X31 D . -8.04 -15.63 15.22
H252 X31 D . -6.90 -16.41 14.12
H272 X31 D . -7.88 -16.12 11.30
H271 X31 D . -6.50 -15.25 11.99
H312 X31 D . -6.67 -12.95 6.13
H311 X31 D . -6.81 -13.98 4.70
H313 X31 D . -5.21 -13.56 5.33
H321 X31 D . -4.44 -15.98 7.02
H332 X31 D . -3.82 -16.37 4.94
H331 X31 D . -5.11 -15.25 4.50
H342 X31 D . -4.98 -17.35 3.15
H341 X31 D . -6.55 -17.00 3.87
H372 X31 D . -4.05 -21.14 2.69
H373 X31 D . -3.35 -19.52 2.90
H371 X31 D . -4.91 -19.71 2.08
H392 X31 D . -6.08 -19.46 6.58
H391 X31 D . -7.31 -18.45 5.82
H401 X31 D . -5.14 -17.76 7.67
H402 X31 D . -6.77 -17.09 7.51
H421 X31 D . -8.16 -15.29 4.83
C10 X31 E . 6.83 -4.97 -28.79
C13 X31 E . 4.56 -6.68 -28.88
C15 X31 E . 6.27 -0.25 -24.45
C20 X31 E . 10.95 1.67 -22.67
C21 X31 E . 12.14 1.60 -23.63
C22 X31 E . 13.26 2.58 -23.36
C24 X31 E . 12.64 4.94 -23.87
C26 X31 E . 10.35 4.41 -24.82
C01 X31 E . 1.96 0.03 -23.46
C03 X31 E . 4.23 -0.37 -23.20
C04 X31 E . 4.98 -0.77 -24.29
C06 X31 E . 4.93 -1.62 -26.52
C07 X31 E . 5.90 -2.80 -26.79
C08 X31 E . 5.26 -3.88 -27.70
C11 X31 E . 6.37 -5.72 -30.07
C12 X31 E . 5.66 -6.94 -29.77
C14 X31 E . 5.03 -6.07 -27.55
C16 X31 E . 6.84 0.71 -23.53
C18 X31 E . 8.64 2.13 -22.83
C23 X31 E . 12.78 3.90 -22.77
C25 X31 E . 11.86 4.40 -25.07
C27 X31 E . 9.83 4.11 -23.40
C29 X31 E . 6.65 2.02 -21.58
C31 X31 E . 6.15 1.86 -19.13
C32 X31 E . 4.73 3.40 -20.66
C33 X31 E . 5.07 4.79 -20.31
C34 X31 E . 3.91 5.81 -20.41
C36 X31 E . 1.26 6.29 -20.24
C37 X31 E . -0.18 5.79 -19.99
C39 X31 E . 2.34 3.91 -19.82
C40 X31 E . 3.56 2.96 -19.87
C41 X31 E . 6.10 1.08 -22.48
C42 X31 E . 4.77 0.55 -22.29
N09 X31 E . 5.89 -4.92 -27.70
N17 X31 E . 8.13 1.22 -23.72
N19 X31 E . 9.99 2.71 -23.00
N28 X31 E . 7.88 2.51 -21.75
N30 X31 E . 5.84 2.44 -20.44
N35 X31 E . 2.47 5.38 -20.18
O02 X31 E . 2.94 -0.88 -23.03
O05 X31 E . 4.42 -1.72 -25.20
O38 X31 E . 1.32 7.45 -20.50
H102 X31 E . 7.73 -5.47 -28.44
H101 X31 E . 7.07 -3.96 -29.09
H132 X31 E . 4.03 -7.60 -28.68
H131 X31 E . 3.88 -5.98 -29.36
H151 X31 E . 6.86 -0.58 -25.30
H201 X31 E . 10.45 0.72 -22.67
H202 X31 E . 11.34 1.87 -21.68
H211 X31 E . 11.77 1.76 -24.63
H212 X31 E . 12.55 0.59 -23.57
H222 X31 E . 13.77 2.80 -24.31
H221 X31 E . 13.98 2.14 -22.68
H241 X31 E . 13.64 5.23 -24.20
H242 X31 E . 12.14 5.81 -23.47
H261 X31 E . 9.91 3.67 -25.49
H262 X31 E . 9.98 5.39 -25.10
H013 X31 E . 2.12 0.25 -24.51
H012 X31 E . 2.04 0.94 -22.88
H011 X31 E . 0.98 -0.42 -23.32
H061 X31 E . 5.46 -0.69 -26.63
H062 X31 E . 4.11 -1.68 -27.22
H072 X31 E . 6.18 -3.26 -25.84
H071 X31 E . 6.79 -2.42 -27.27
H081 X31 E . 5.20 -3.49 -28.71
H082 X31 E . 4.25 -4.09 -27.34
H111 X31 E . 7.23 -5.96 -30.66
H112 X31 E . 5.71 -5.07 -30.62
H121 X31 E . 6.34 -7.64 -29.30
H122 X31 E . 5.29 -7.38 -30.69
H141 X31 E . 5.58 -6.83 -26.99
H142 X31 E . 4.16 -5.78 -26.98
H232 X31 E . 13.47 4.25 -22.02
H231 X31 E . 11.81 3.75 -22.30
H251 X31 E . 12.18 3.38 -25.25
H252 X31 E . 12.08 5.01 -25.93
H272 X31 E . 8.78 4.38 -23.36
H271 X31 E . 10.38 4.73 -22.70
H312 X31 E . 6.23 2.66 -18.40
H311 X31 E . 7.10 1.33 -19.19
H313 X31 E . 5.37 1.18 -18.85
H321 X31 E . 4.55 3.37 -21.73
H332 X31 E . 5.87 5.12 -20.98
H331 X31 E . 5.43 4.80 -19.28
H342 X31 E . 3.96 6.22 -21.42
H341 X31 E . 4.12 6.60 -19.69
H372 X31 E . -0.90 6.43 -20.50
H373 X31 E . -0.29 4.77 -20.36
H371 X31 E . -0.39 5.80 -18.92
H392 X31 E . 1.60 3.50 -20.48
H391 X31 E . 1.97 3.87 -18.80
H401 X31 E . 3.22 2.01 -20.30
H402 X31 E . 3.89 2.79 -18.84
H421 X31 E . 4.18 0.87 -21.44
CL CL F . 10.70 -4.07 -1.25
CL CL G . 7.12 0.52 0.36
#